data_6F0F
#
_entry.id   6F0F
#
_cell.length_a   61.410
_cell.length_b   61.410
_cell.length_c   220.380
_cell.angle_alpha   90.000
_cell.angle_beta   90.000
_cell.angle_gamma   90.000
#
_symmetry.space_group_name_H-M   'P 41 21 2'
#
loop_
_entity.id
_entity.type
_entity.pdbx_description
1 polymer 'Histone chaperone ASF1A'
2 polymer ip2_s
3 water water
#
loop_
_entity_poly.entity_id
_entity_poly.type
_entity_poly.pdbx_seq_one_letter_code
_entity_poly.pdbx_strand_id
1 'polypeptide(L)'
;GAMAKVQVNNVVVLDNPSPFYNPFQFEITFECIEDLSEDLEWKIIYVGSAESEEYDQVLDSVLVGPVPAGRHMFVFQADA
PNPGLIPDADAVGVTVVLITCTYRGQEFIRVGYYVNNEYTETELRENPPVKPDFSKLQRNILASNPRVTRFHINWEDN
;
A
2 'polypeptide(L)' GAMGTLTPKEAELARRIRGAGGRTLNGFG B
#
# COMPACT_ATOMS: atom_id res chain seq x y z
N ALA A 2 27.31 -3.82 -2.62
CA ALA A 2 27.02 -2.75 -1.61
C ALA A 2 25.73 -1.99 -1.96
N MET A 3 25.62 -1.57 -3.21
CA MET A 3 24.42 -0.87 -3.70
C MET A 3 23.27 -1.86 -3.96
N ALA A 4 22.05 -1.42 -3.62
CA ALA A 4 20.85 -2.14 -3.99
C ALA A 4 20.74 -2.16 -5.50
N LYS A 5 20.53 -3.33 -6.07
CA LYS A 5 20.42 -3.48 -7.51
C LYS A 5 19.14 -2.84 -8.09
N VAL A 6 18.10 -2.71 -7.26
CA VAL A 6 16.87 -2.03 -7.66
C VAL A 6 16.59 -0.88 -6.72
N GLN A 7 16.29 0.29 -7.28
CA GLN A 7 15.64 1.34 -6.52
C GLN A 7 14.33 1.79 -7.17
N VAL A 8 13.31 1.93 -6.34
CA VAL A 8 12.00 2.43 -6.74
C VAL A 8 12.05 3.95 -6.73
N ASN A 9 11.68 4.57 -7.85
CA ASN A 9 11.79 6.03 -8.04
C ASN A 9 10.49 6.75 -7.79
N ASN A 10 9.38 6.10 -8.14
CA ASN A 10 8.11 6.76 -8.02
C ASN A 10 6.95 5.77 -8.01
N VAL A 11 5.82 6.22 -7.45
CA VAL A 11 4.54 5.53 -7.58
C VAL A 11 3.52 6.62 -7.84
N VAL A 12 2.71 6.43 -8.88
CA VAL A 12 1.62 7.34 -9.14
C VAL A 12 0.31 6.56 -8.87
N VAL A 13 -0.58 7.17 -8.11
CA VAL A 13 -1.88 6.53 -7.78
C VAL A 13 -2.87 7.05 -8.81
N LEU A 14 -3.42 6.13 -9.59
CA LEU A 14 -4.36 6.50 -10.64
C LEU A 14 -5.81 6.33 -10.17
N ASP A 15 -6.69 7.12 -10.79
CA ASP A 15 -8.16 6.93 -10.71
C ASP A 15 -8.66 7.04 -9.27
N ASN A 16 -8.37 8.17 -8.66
CA ASN A 16 -8.46 8.35 -7.22
C ASN A 16 -8.89 9.80 -6.95
N PRO A 17 -9.87 10.02 -6.07
CA PRO A 17 -10.76 9.10 -5.34
C PRO A 17 -11.64 8.29 -6.28
N SER A 18 -12.29 7.24 -5.75
CA SER A 18 -13.14 6.39 -6.55
C SER A 18 -14.05 5.62 -5.58
N PRO A 19 -15.03 4.86 -6.11
CA PRO A 19 -15.77 3.93 -5.23
C PRO A 19 -14.83 2.94 -4.54
N PHE A 20 -15.23 2.50 -3.36
CA PHE A 20 -14.57 1.39 -2.69
C PHE A 20 -14.37 0.17 -3.60
N TYR A 21 -15.36 -0.13 -4.44
CA TYR A 21 -15.30 -1.34 -5.29
C TYR A 21 -14.34 -1.27 -6.53
N ASN A 22 -13.79 -0.09 -6.76
CA ASN A 22 -12.86 0.16 -7.85
C ASN A 22 -11.49 -0.52 -7.64
N PRO A 23 -10.89 -1.09 -8.70
CA PRO A 23 -9.53 -1.64 -8.52
C PRO A 23 -8.51 -0.57 -8.16
N PHE A 24 -7.53 -0.95 -7.35
CA PHE A 24 -6.38 -0.11 -7.07
C PHE A 24 -5.53 -0.11 -8.33
N GLN A 25 -4.99 1.06 -8.68
CA GLN A 25 -4.19 1.20 -9.92
C GLN A 25 -2.99 2.07 -9.62
N PHE A 26 -1.80 1.49 -9.74
CA PHE A 26 -0.55 2.20 -9.43
C PHE A 26 0.43 2.17 -10.62
N GLU A 27 0.96 3.33 -11.02
CA GLU A 27 2.09 3.36 -11.98
C GLU A 27 3.37 3.33 -11.16
N ILE A 28 4.18 2.31 -11.36
CA ILE A 28 5.37 2.11 -10.53
C ILE A 28 6.61 2.21 -11.42
N THR A 29 7.51 3.12 -11.05
CA THR A 29 8.77 3.34 -11.78
C THR A 29 9.97 2.96 -10.90
N PHE A 30 10.86 2.14 -11.45
CA PHE A 30 12.05 1.75 -10.73
C PHE A 30 13.26 1.65 -11.66
N GLU A 31 14.45 1.77 -11.08
CA GLU A 31 15.70 1.59 -11.84
C GLU A 31 16.44 0.35 -11.38
N CYS A 32 16.86 -0.45 -12.34
CA CYS A 32 17.74 -1.58 -12.09
C CYS A 32 19.15 -1.14 -12.50
N ILE A 33 20.06 -1.07 -11.54
CA ILE A 33 21.42 -0.61 -11.85
C ILE A 33 22.31 -1.77 -12.32
N GLU A 34 21.83 -3.00 -12.20
CA GLU A 34 22.60 -4.20 -12.49
C GLU A 34 21.63 -5.35 -12.79
N ASP A 35 21.78 -5.98 -13.96
CA ASP A 35 20.91 -7.10 -14.36
C ASP A 35 20.52 -8.05 -13.23
N LEU A 36 19.23 -8.37 -13.15
CA LEU A 36 18.75 -9.34 -12.18
C LEU A 36 18.63 -10.70 -12.85
N SER A 37 19.00 -11.75 -12.12
CA SER A 37 18.85 -13.09 -12.64
C SER A 37 17.49 -13.70 -12.28
N GLU A 38 16.84 -13.15 -11.26
CA GLU A 38 15.50 -13.60 -10.83
C GLU A 38 14.44 -12.52 -11.07
N ASP A 39 13.18 -12.94 -11.00
CA ASP A 39 12.04 -12.01 -11.08
C ASP A 39 11.87 -11.17 -9.81
N LEU A 40 11.29 -10.00 -9.98
CA LEU A 40 10.85 -9.17 -8.87
C LEU A 40 9.42 -9.57 -8.51
N GLU A 41 9.17 -9.76 -7.22
CA GLU A 41 7.80 -10.06 -6.78
C GLU A 41 7.11 -8.87 -6.10
N TRP A 42 6.08 -8.34 -6.76
CA TRP A 42 5.33 -7.18 -6.24
C TRP A 42 3.98 -7.62 -5.64
N LYS A 43 3.61 -7.07 -4.47
CA LYS A 43 2.31 -7.33 -3.83
C LYS A 43 1.61 -6.01 -3.48
N ILE A 44 0.27 -6.01 -3.55
CA ILE A 44 -0.53 -4.95 -2.95
C ILE A 44 -1.26 -5.64 -1.80
N ILE A 45 -1.10 -5.11 -0.61
CA ILE A 45 -1.69 -5.67 0.60
C ILE A 45 -2.59 -4.61 1.22
N TYR A 46 -3.86 -4.96 1.37
CA TYR A 46 -4.83 -4.07 2.04
C TYR A 46 -4.88 -4.39 3.53
N VAL A 47 -4.72 -3.37 4.37
CA VAL A 47 -4.85 -3.56 5.80
C VAL A 47 -6.33 -3.46 6.19
N GLY A 48 -6.97 -4.62 6.28
CA GLY A 48 -8.39 -4.69 6.66
C GLY A 48 -8.65 -4.19 8.06
N SER A 49 -7.68 -4.38 8.96
CA SER A 49 -7.84 -3.95 10.34
C SER A 49 -6.50 -3.57 10.97
N ALA A 50 -6.39 -2.34 11.43
CA ALA A 50 -5.21 -1.82 12.08
C ALA A 50 -4.81 -2.70 13.27
N GLU A 51 -5.82 -3.18 14.02
CA GLU A 51 -5.60 -3.96 15.25
C GLU A 51 -4.88 -5.23 15.01
N SER A 52 -5.06 -5.79 13.82
CA SER A 52 -4.55 -7.10 13.56
C SER A 52 -4.19 -7.38 12.13
N GLU A 53 -3.01 -7.94 11.99
CA GLU A 53 -2.44 -8.33 10.72
C GLU A 53 -3.18 -9.52 10.09
N GLU A 54 -3.92 -10.24 10.93
CA GLU A 54 -4.83 -11.31 10.49
C GLU A 54 -5.79 -10.88 9.42
N TYR A 55 -6.16 -9.60 9.43
CA TYR A 55 -7.15 -9.07 8.51
C TYR A 55 -6.56 -8.48 7.22
N ASP A 56 -5.26 -8.72 7.00
CA ASP A 56 -4.62 -8.33 5.73
C ASP A 56 -5.20 -9.06 4.56
N GLN A 57 -5.38 -8.36 3.44
CA GLN A 57 -5.78 -9.04 2.22
C GLN A 57 -4.73 -8.80 1.15
N VAL A 58 -4.15 -9.87 0.61
CA VAL A 58 -3.20 -9.66 -0.46
C VAL A 58 -4.04 -9.51 -1.72
N LEU A 59 -4.12 -8.29 -2.25
CA LEU A 59 -5.02 -8.03 -3.36
C LEU A 59 -4.52 -8.62 -4.66
N ASP A 60 -3.20 -8.66 -4.83
CA ASP A 60 -2.56 -9.35 -5.94
C ASP A 60 -1.06 -9.46 -5.68
N SER A 61 -0.45 -10.39 -6.39
CA SER A 61 0.95 -10.69 -6.30
C SER A 61 1.38 -10.91 -7.73
N VAL A 62 2.35 -10.16 -8.24
CA VAL A 62 2.81 -10.34 -9.62
C VAL A 62 4.34 -10.54 -9.70
N LEU A 63 4.77 -11.36 -10.66
CA LEU A 63 6.19 -11.52 -10.97
C LEU A 63 6.51 -10.61 -12.13
N VAL A 64 7.49 -9.73 -11.92
CA VAL A 64 7.87 -8.77 -12.96
C VAL A 64 9.27 -9.12 -13.50
N GLY A 65 9.38 -9.06 -14.83
CA GLY A 65 10.57 -9.53 -15.54
C GLY A 65 10.37 -9.55 -17.05
N PRO A 66 11.47 -9.71 -17.82
CA PRO A 66 12.84 -9.85 -17.27
C PRO A 66 13.30 -8.50 -16.73
N VAL A 67 14.30 -8.51 -15.83
CA VAL A 67 14.78 -7.23 -15.31
C VAL A 67 16.26 -6.97 -15.66
N PRO A 68 16.53 -6.51 -16.89
CA PRO A 68 17.88 -6.03 -17.19
C PRO A 68 18.11 -4.63 -16.62
N ALA A 69 19.37 -4.23 -16.52
CA ALA A 69 19.69 -2.89 -16.05
C ALA A 69 18.95 -1.88 -16.91
N GLY A 70 18.49 -0.79 -16.29
CA GLY A 70 17.67 0.17 -17.01
C GLY A 70 16.58 0.77 -16.14
N ARG A 71 15.79 1.63 -16.75
CA ARG A 71 14.70 2.33 -16.10
C ARG A 71 13.40 1.69 -16.59
N HIS A 72 12.59 1.26 -15.62
CA HIS A 72 11.39 0.45 -15.88
C HIS A 72 10.14 1.08 -15.28
N MET A 73 9.03 0.83 -15.93
CA MET A 73 7.72 1.21 -15.39
C MET A 73 6.73 0.10 -15.71
N PHE A 74 5.82 -0.17 -14.78
CA PHE A 74 4.67 -1.00 -15.07
C PHE A 74 3.47 -0.48 -14.26
N VAL A 75 2.26 -0.77 -14.74
CA VAL A 75 1.04 -0.38 -14.04
C VAL A 75 0.55 -1.61 -13.26
N PHE A 76 0.43 -1.47 -11.94
CA PHE A 76 0.04 -2.59 -11.10
C PHE A 76 -1.42 -2.35 -10.71
N GLN A 77 -2.31 -3.19 -11.20
CA GLN A 77 -3.74 -3.08 -10.86
C GLN A 77 -4.19 -4.32 -10.08
N ALA A 78 -5.07 -4.11 -9.11
CA ALA A 78 -5.56 -5.23 -8.29
C ALA A 78 -6.98 -4.92 -7.83
N ASP A 79 -7.84 -5.93 -7.87
CA ASP A 79 -9.23 -5.80 -7.39
C ASP A 79 -9.33 -5.31 -5.94
N ALA A 80 -10.40 -4.57 -5.64
CA ALA A 80 -10.69 -4.09 -4.28
C ALA A 80 -10.76 -5.25 -3.26
N PRO A 81 -10.50 -4.97 -1.98
CA PRO A 81 -10.64 -6.04 -1.00
C PRO A 81 -12.09 -6.58 -0.86
N ASN A 82 -12.17 -7.79 -0.32
CA ASN A 82 -13.44 -8.46 0.02
C ASN A 82 -13.97 -7.86 1.30
N PRO A 83 -15.08 -7.10 1.21
CA PRO A 83 -15.63 -6.44 2.38
C PRO A 83 -16.16 -7.42 3.44
N GLY A 84 -16.44 -8.66 3.03
CA GLY A 84 -16.87 -9.71 3.95
C GLY A 84 -15.81 -10.09 4.97
N LEU A 85 -14.55 -9.75 4.70
CA LEU A 85 -13.48 -9.96 5.69
C LEU A 85 -13.07 -8.73 6.50
N ILE A 86 -13.67 -7.58 6.23
CA ILE A 86 -13.25 -6.36 6.93
C ILE A 86 -14.15 -6.21 8.13
N PRO A 87 -13.57 -5.99 9.35
CA PRO A 87 -14.38 -5.69 10.52
C PRO A 87 -15.16 -4.40 10.34
N ASP A 88 -16.44 -4.43 10.69
CA ASP A 88 -17.33 -3.31 10.45
C ASP A 88 -16.70 -2.03 10.99
N ALA A 89 -16.09 -2.14 12.16
CA ALA A 89 -15.60 -0.95 12.84
C ALA A 89 -14.39 -0.29 12.13
N ASP A 90 -13.76 -1.01 11.22
CA ASP A 90 -12.57 -0.49 10.51
C ASP A 90 -12.93 0.01 9.11
N ALA A 91 -14.18 -0.24 8.70
CA ALA A 91 -14.61 0.05 7.33
C ALA A 91 -14.66 1.53 6.99
N VAL A 92 -15.17 2.35 7.90
CA VAL A 92 -15.38 3.77 7.64
C VAL A 92 -14.32 4.52 8.42
N GLY A 93 -13.52 5.32 7.69
CA GLY A 93 -12.36 6.00 8.29
C GLY A 93 -11.06 5.59 7.63
N VAL A 94 -9.96 5.76 8.37
CA VAL A 94 -8.59 5.59 7.84
C VAL A 94 -8.08 4.17 7.96
N THR A 95 -7.56 3.64 6.86
CA THR A 95 -6.71 2.46 6.94
C THR A 95 -5.46 2.67 6.03
N VAL A 96 -4.80 1.60 5.63
CA VAL A 96 -3.58 1.70 4.87
C VAL A 96 -3.61 0.66 3.77
N VAL A 97 -3.06 1.02 2.60
CA VAL A 97 -2.68 -0.01 1.62
C VAL A 97 -1.18 -0.02 1.50
N LEU A 98 -0.62 -1.19 1.22
CA LEU A 98 0.81 -1.31 1.13
C LEU A 98 1.16 -1.83 -0.24
N ILE A 99 2.24 -1.30 -0.82
CA ILE A 99 2.86 -1.96 -1.97
C ILE A 99 4.23 -2.44 -1.57
N THR A 100 4.53 -3.68 -1.92
CA THR A 100 5.73 -4.30 -1.39
C THR A 100 6.51 -4.88 -2.58
N CYS A 101 7.84 -4.86 -2.51
CA CYS A 101 8.61 -5.64 -3.50
C CYS A 101 9.63 -6.53 -2.82
N THR A 102 9.75 -7.73 -3.36
CA THR A 102 10.55 -8.81 -2.79
C THR A 102 11.51 -9.37 -3.86
N TYR A 103 12.77 -9.54 -3.48
CA TYR A 103 13.74 -10.18 -4.38
C TYR A 103 14.36 -11.38 -3.67
N ARG A 104 14.24 -12.54 -4.30
CA ARG A 104 14.69 -13.82 -3.74
C ARG A 104 14.17 -14.00 -2.31
N GLY A 105 12.86 -13.89 -2.14
CA GLY A 105 12.23 -14.04 -0.83
C GLY A 105 12.45 -12.92 0.17
N GLN A 106 13.18 -11.87 -0.21
CA GLN A 106 13.44 -10.78 0.76
C GLN A 106 12.78 -9.47 0.35
N GLU A 107 12.03 -8.87 1.28
CA GLU A 107 11.32 -7.62 0.99
C GLU A 107 12.28 -6.45 1.12
N PHE A 108 12.49 -5.73 0.02
CA PHE A 108 13.45 -4.64 0.05
C PHE A 108 12.80 -3.28 0.06
N ILE A 109 11.49 -3.23 -0.18
CA ILE A 109 10.79 -1.95 -0.13
C ILE A 109 9.31 -2.08 0.28
N ARG A 110 8.81 -1.08 0.98
CA ARG A 110 7.44 -1.05 1.41
C ARG A 110 6.95 0.35 1.22
N VAL A 111 5.94 0.53 0.36
CA VAL A 111 5.35 1.85 0.14
C VAL A 111 3.96 1.82 0.78
N GLY A 112 3.66 2.78 1.63
CA GLY A 112 2.36 2.80 2.27
C GLY A 112 1.62 4.05 1.92
N TYR A 113 0.30 3.91 1.75
CA TYR A 113 -0.58 5.03 1.64
C TYR A 113 -1.69 4.90 2.64
N TYR A 114 -2.03 6.01 3.28
CA TYR A 114 -3.25 6.09 4.07
C TYR A 114 -4.41 6.20 3.13
N VAL A 115 -5.53 5.62 3.56
CA VAL A 115 -6.71 5.48 2.73
C VAL A 115 -7.89 5.89 3.58
N ASN A 116 -8.63 6.92 3.16
N ASN A 116 -8.60 6.92 3.13
CA ASN A 116 -9.83 7.30 3.92
CA ASN A 116 -9.84 7.36 3.78
C ASN A 116 -11.07 6.82 3.19
C ASN A 116 -11.01 6.68 3.08
N ASN A 117 -11.79 5.89 3.82
CA ASN A 117 -13.06 5.37 3.30
C ASN A 117 -14.20 6.10 3.98
N GLU A 118 -15.02 6.76 3.17
CA GLU A 118 -16.05 7.67 3.63
C GLU A 118 -17.27 7.64 2.75
N TYR A 119 -18.44 7.92 3.35
CA TYR A 119 -19.64 8.17 2.57
C TYR A 119 -19.55 9.60 1.99
N THR A 120 -20.18 9.81 0.85
CA THR A 120 -20.19 11.14 0.24
C THR A 120 -21.54 11.83 0.41
N GLU A 121 -22.60 11.07 0.64
CA GLU A 121 -23.92 11.64 0.94
C GLU A 121 -23.95 12.14 2.38
N THR A 122 -24.35 13.40 2.56
CA THR A 122 -24.41 14.01 3.90
C THR A 122 -25.28 13.21 4.89
N GLU A 123 -26.37 12.62 4.40
CA GLU A 123 -27.26 11.81 5.24
C GLU A 123 -26.47 10.66 5.88
N LEU A 124 -25.80 9.88 5.01
CA LEU A 124 -25.00 8.74 5.46
C LEU A 124 -23.81 9.15 6.31
N ARG A 125 -23.17 10.26 5.98
CA ARG A 125 -21.97 10.67 6.72
C ARG A 125 -22.31 10.94 8.17
N GLU A 126 -23.49 11.51 8.38
CA GLU A 126 -23.93 11.92 9.71
C GLU A 126 -24.69 10.80 10.43
N ASN A 127 -25.52 10.08 9.68
CA ASN A 127 -26.22 8.88 10.18
C ASN A 127 -25.76 7.61 9.42
N PRO A 128 -24.55 7.13 9.71
CA PRO A 128 -24.05 6.02 8.91
C PRO A 128 -24.80 4.70 9.16
N PRO A 129 -24.96 3.87 8.11
CA PRO A 129 -25.59 2.56 8.28
C PRO A 129 -24.98 1.75 9.45
N VAL A 130 -25.83 0.96 10.11
CA VAL A 130 -25.44 0.13 11.26
C VAL A 130 -24.33 -0.84 10.84
N LYS A 131 -24.52 -1.51 9.71
CA LYS A 131 -23.47 -2.25 9.04
C LYS A 131 -23.02 -1.47 7.78
N PRO A 132 -21.69 -1.34 7.57
CA PRO A 132 -21.24 -0.46 6.46
C PRO A 132 -21.81 -0.85 5.12
N ASP A 133 -22.18 0.16 4.35
CA ASP A 133 -22.63 -0.10 2.98
C ASP A 133 -21.48 0.23 2.01
N PHE A 134 -20.80 -0.80 1.54
CA PHE A 134 -19.58 -0.61 0.76
C PHE A 134 -19.88 -0.09 -0.66
N SER A 135 -21.10 -0.32 -1.15
CA SER A 135 -21.51 0.24 -2.45
C SER A 135 -21.63 1.78 -2.38
N LYS A 136 -21.67 2.34 -1.18
CA LYS A 136 -21.81 3.78 -1.03
C LYS A 136 -20.56 4.49 -0.47
N LEU A 137 -19.49 3.72 -0.27
CA LEU A 137 -18.25 4.27 0.27
C LEU A 137 -17.33 4.72 -0.86
N GLN A 138 -16.76 5.89 -0.67
CA GLN A 138 -15.71 6.40 -1.52
C GLN A 138 -14.35 6.12 -0.88
N ARG A 139 -13.47 5.50 -1.66
CA ARG A 139 -12.07 5.33 -1.30
C ARG A 139 -11.26 6.55 -1.76
N ASN A 140 -10.69 7.27 -0.80
CA ASN A 140 -9.73 8.34 -1.11
C ASN A 140 -8.34 7.95 -0.59
N ILE A 141 -7.47 7.50 -1.50
CA ILE A 141 -6.07 7.19 -1.17
C ILE A 141 -5.34 8.51 -1.03
N LEU A 142 -4.68 8.72 0.10
CA LEU A 142 -3.99 9.97 0.39
C LEU A 142 -2.65 10.00 -0.39
N ALA A 143 -2.79 10.17 -1.70
CA ALA A 143 -1.70 10.02 -2.67
C ALA A 143 -0.59 11.06 -2.51
N SER A 144 -0.90 12.20 -1.90
CA SER A 144 0.09 13.24 -1.75
C SER A 144 1.12 12.90 -0.65
N ASN A 145 0.85 11.85 0.13
CA ASN A 145 1.74 11.44 1.23
C ASN A 145 2.23 9.99 1.13
N PRO A 146 3.01 9.65 0.09
CA PRO A 146 3.54 8.28 0.02
C PRO A 146 4.54 8.07 1.17
N ARG A 147 4.45 6.93 1.85
CA ARG A 147 5.33 6.60 2.98
C ARG A 147 6.23 5.51 2.47
N VAL A 148 7.54 5.73 2.54
CA VAL A 148 8.44 4.84 1.83
C VAL A 148 9.47 4.27 2.77
N THR A 149 9.60 2.94 2.79
CA THR A 149 10.52 2.28 3.69
C THR A 149 11.34 1.23 2.94
N ARG A 150 12.67 1.40 2.93
CA ARG A 150 13.56 0.43 2.30
C ARG A 150 14.25 -0.46 3.34
N PHE A 151 14.64 -1.66 2.91
CA PHE A 151 15.28 -2.65 3.77
C PHE A 151 16.52 -3.19 3.07
N HIS A 152 17.60 -3.39 3.82
CA HIS A 152 18.83 -3.95 3.28
C HIS A 152 18.62 -5.42 3.05
N ILE A 153 18.81 -5.86 1.80
CA ILE A 153 18.71 -7.27 1.48
C ILE A 153 19.95 -7.75 0.72
N ASN A 154 20.06 -9.06 0.56
CA ASN A 154 21.13 -9.63 -0.24
C ASN A 154 20.76 -9.79 -1.70
N TRP A 155 21.44 -9.03 -2.56
CA TRP A 155 21.14 -8.99 -3.99
C TRP A 155 21.95 -9.97 -4.86
N GLU A 156 22.62 -10.93 -4.22
CA GLU A 156 23.54 -11.87 -4.87
CA GLU A 156 23.51 -11.84 -4.96
C GLU A 156 22.91 -13.23 -5.13
N ALA B 2 5.54 21.36 22.09
CA ALA B 2 5.22 20.05 22.74
C ALA B 2 4.67 19.06 21.72
N MET B 3 5.56 18.16 21.24
CA MET B 3 5.25 17.09 20.27
C MET B 3 4.02 16.26 20.67
N GLY B 4 3.21 15.96 19.67
CA GLY B 4 1.99 15.17 19.86
C GLY B 4 2.26 13.67 19.84
N THR B 5 1.18 12.91 19.88
CA THR B 5 1.26 11.51 20.19
C THR B 5 0.28 10.82 19.24
N LEU B 6 0.53 9.56 18.91
CA LEU B 6 -0.38 8.80 18.06
C LEU B 6 -1.38 8.01 18.90
N THR B 7 -2.59 7.86 18.39
CA THR B 7 -3.63 7.06 19.03
C THR B 7 -3.27 5.62 18.76
N PRO B 8 -3.84 4.66 19.53
CA PRO B 8 -3.50 3.25 19.25
C PRO B 8 -3.71 2.81 17.79
N LYS B 9 -4.78 3.26 17.14
CA LYS B 9 -4.98 2.92 15.73
C LYS B 9 -3.92 3.56 14.81
N GLU B 10 -3.66 4.86 14.98
CA GLU B 10 -2.60 5.53 14.21
C GLU B 10 -1.22 4.88 14.40
N ALA B 11 -0.94 4.51 15.65
CA ALA B 11 0.31 3.85 15.98
C ALA B 11 0.38 2.47 15.33
N GLU B 12 -0.75 1.73 15.34
CA GLU B 12 -0.81 0.42 14.67
C GLU B 12 -0.55 0.55 13.16
N LEU B 13 -1.11 1.59 12.57
CA LEU B 13 -0.95 1.79 11.12
C LEU B 13 0.48 2.22 10.78
N ALA B 14 1.06 3.08 11.60
CA ALA B 14 2.47 3.48 11.43
C ALA B 14 3.43 2.31 11.50
N ARG B 15 3.14 1.34 12.37
CA ARG B 15 3.97 0.15 12.45
C ARG B 15 3.85 -0.74 11.25
N ARG B 16 2.64 -0.90 10.71
CA ARG B 16 2.50 -1.66 9.46
C ARG B 16 3.33 -1.03 8.34
N ILE B 17 3.27 0.28 8.26
CA ILE B 17 3.94 1.03 7.19
C ILE B 17 5.46 0.84 7.23
N ARG B 18 6.07 0.81 8.43
CA ARG B 18 7.51 0.58 8.52
C ARG B 18 7.97 -0.87 8.42
N GLY B 19 7.06 -1.83 8.30
CA GLY B 19 7.45 -3.22 8.05
C GLY B 19 8.37 -3.74 9.15
N ALA B 20 9.42 -4.47 8.75
CA ALA B 20 10.37 -5.05 9.69
C ALA B 20 11.34 -4.01 10.24
N GLY B 21 10.82 -3.02 10.98
CA GLY B 21 11.62 -2.04 11.69
C GLY B 21 12.44 -1.04 10.87
N GLY B 22 11.88 -0.57 9.76
CA GLY B 22 12.61 0.31 8.86
C GLY B 22 12.40 1.78 9.17
N ARG B 23 13.14 2.64 8.47
CA ARG B 23 12.97 4.09 8.60
C ARG B 23 12.05 4.54 7.48
N THR B 24 10.88 5.07 7.84
CA THR B 24 9.90 5.49 6.88
C THR B 24 10.18 6.93 6.50
N LEU B 25 10.26 7.17 5.19
CA LEU B 25 10.56 8.50 4.66
C LEU B 25 9.35 9.08 3.93
N ASN B 26 9.32 10.41 3.80
CA ASN B 26 8.33 11.11 2.99
C ASN B 26 8.71 11.08 1.51
N GLY B 27 8.17 10.14 0.77
CA GLY B 27 8.45 10.06 -0.66
C GLY B 27 9.71 9.27 -0.98
N PHE B 28 10.12 9.33 -2.25
CA PHE B 28 11.11 8.38 -2.81
C PHE B 28 12.55 8.88 -2.93
N GLY B 29 12.76 10.16 -2.65
CA GLY B 29 14.11 10.75 -2.70
C GLY B 29 14.08 12.26 -2.54
#